data_6E3A
#
_entry.id   6E3A
#
_cell.length_a   53.367
_cell.length_b   53.367
_cell.length_c   308.903
_cell.angle_alpha   90.00
_cell.angle_beta   90.00
_cell.angle_gamma   120.00
#
_symmetry.space_group_name_H-M   'P 61 2 2'
#
loop_
_entity.id
_entity.type
_entity.pdbx_description
1 polymer "Probable RNA 2'-phosphotransferase"
2 non-polymer 'COENZYME A'
3 non-polymer '[[(2~{R},3~{S},4~{R},5~{R})-5-(6-aminopurin-9-yl)-3,4-bis(oxidanyl)oxolan-2-yl]methoxy-oxidanyl-phosphoryl] [(2~{R},3~{S},4~{R},5~{R})-3,4-bis(oxidanyl)-5-phosphonooxy-oxolan-2-yl]methyl hydrogen phosphate'
4 water water
#
_entity_poly.entity_id   1
_entity_poly.type   'polypeptide(L)'
_entity_poly.pdbx_seq_one_letter_code
;MVLIDYSKLSKEVAYALRHAPWEYGLELDAEGWVDINQLLSSLHECEKWKKVSEHDLHVMIEKSDKKRYEISNGKIRALY
GHSIPQRIIKEQKCPPEVLYHGTARRFVKSIKEKGLQPQGRQYVHLSADVETALQVGKRRDIKPVLLIVNALEAWSEGIK
FYLGNDKVWLADAIPSKYIRFE
;
_entity_poly.pdbx_strand_id   A
#
loop_
_chem_comp.id
_chem_comp.type
_chem_comp.name
_chem_comp.formula
COA non-polymer 'COENZYME A' 'C21 H36 N7 O16 P3 S'
HQG non-polymer '[[(2~{R},3~{S},4~{R},5~{R})-5-(6-aminopurin-9-yl)-3,4-bis(oxidanyl)oxolan-2-yl]methoxy-oxidanyl-phosphoryl] [(2~{R},3~{S},4~{R},5~{R})-3,4-bis(oxidanyl)-5-phosphonooxy-oxolan-2-yl]methyl hydrogen phosphate' 'C15 H24 N5 O17 P3'
#
# COMPACT_ATOMS: atom_id res chain seq x y z
N LEU A 3 2.83 -7.49 27.22
CA LEU A 3 2.52 -6.41 26.28
C LEU A 3 2.55 -6.87 24.83
N ILE A 4 1.81 -6.17 23.96
CA ILE A 4 1.72 -6.50 22.55
C ILE A 4 2.76 -5.70 21.78
N ASP A 5 3.49 -6.37 20.89
CA ASP A 5 4.34 -5.70 19.91
C ASP A 5 3.42 -5.30 18.76
N TYR A 6 2.97 -4.05 18.79
CA TYR A 6 2.02 -3.57 17.79
C TYR A 6 2.64 -3.51 16.40
N SER A 7 3.96 -3.26 16.30
CA SER A 7 4.63 -3.33 15.01
C SER A 7 4.55 -4.72 14.38
N LYS A 8 4.80 -5.76 15.18
CA LYS A 8 4.73 -7.11 14.66
C LYS A 8 3.30 -7.50 14.36
N LEU A 9 2.35 -7.02 15.17
CA LEU A 9 0.95 -7.26 14.87
C LEU A 9 0.57 -6.61 13.56
N SER A 10 1.05 -5.39 13.33
CA SER A 10 0.79 -4.70 12.07
C SER A 10 1.31 -5.49 10.88
N LYS A 11 2.51 -6.11 11.00
CA LYS A 11 3.00 -6.93 9.88
C LYS A 11 2.10 -8.14 9.63
N GLU A 12 1.60 -8.79 10.69
CA GLU A 12 0.70 -9.92 10.48
C GLU A 12 -0.58 -9.48 9.78
N VAL A 13 -1.16 -8.35 10.23
CA VAL A 13 -2.37 -7.85 9.62
C VAL A 13 -2.13 -7.49 8.14
N ALA A 14 -0.97 -6.90 7.83
CA ALA A 14 -0.64 -6.61 6.42
C ALA A 14 -0.69 -7.87 5.58
N TYR A 15 -0.11 -8.98 6.08
CA TYR A 15 -0.11 -10.20 5.27
C TYR A 15 -1.53 -10.69 5.05
N ALA A 16 -2.37 -10.66 6.10
CA ALA A 16 -3.74 -11.13 5.98
C ALA A 16 -4.57 -10.24 5.07
N LEU A 17 -4.42 -8.92 5.17
CA LEU A 17 -5.32 -8.04 4.46
C LEU A 17 -4.80 -7.59 3.09
N ARG A 18 -3.52 -7.80 2.79
CA ARG A 18 -2.99 -7.44 1.47
C ARG A 18 -2.68 -8.64 0.60
N HIS A 19 -2.25 -9.80 1.19
CA HIS A 19 -1.51 -10.81 0.44
C HIS A 19 -2.11 -12.22 0.49
N ALA A 20 -2.63 -12.63 1.64
CA ALA A 20 -3.01 -14.04 1.73
C ALA A 20 -4.20 -14.18 2.67
N PRO A 21 -5.33 -13.53 2.38
CA PRO A 21 -6.47 -13.65 3.29
C PRO A 21 -6.93 -15.08 3.39
N TRP A 22 -6.80 -15.86 2.28
CA TRP A 22 -7.22 -17.26 2.27
C TRP A 22 -6.48 -18.10 3.32
N GLU A 23 -5.26 -17.70 3.66
CA GLU A 23 -4.49 -18.48 4.61
C GLU A 23 -5.06 -18.36 6.00
N TYR A 24 -5.76 -17.26 6.24
CA TYR A 24 -6.48 -16.96 7.48
C TYR A 24 -7.94 -17.37 7.43
N GLY A 25 -8.37 -18.04 6.35
CA GLY A 25 -9.77 -18.41 6.27
C GLY A 25 -10.66 -17.19 6.07
N LEU A 26 -10.13 -16.12 5.50
CA LEU A 26 -10.85 -14.85 5.32
C LEU A 26 -11.14 -14.64 3.84
N GLU A 27 -12.23 -13.94 3.56
CA GLU A 27 -12.52 -13.42 2.23
C GLU A 27 -12.74 -11.90 2.30
N LEU A 28 -11.97 -11.15 1.53
CA LEU A 28 -12.14 -9.69 1.47
C LEU A 28 -13.22 -9.31 0.47
N ASP A 29 -13.97 -8.26 0.77
CA ASP A 29 -14.93 -7.78 -0.20
C ASP A 29 -14.21 -7.00 -1.30
N ALA A 30 -14.99 -6.44 -2.22
CA ALA A 30 -14.41 -5.85 -3.42
C ALA A 30 -13.52 -4.66 -3.11
N GLU A 31 -13.76 -4.00 -1.98
CA GLU A 31 -12.99 -2.84 -1.54
C GLU A 31 -11.98 -3.18 -0.47
N GLY A 32 -11.78 -4.47 -0.18
CA GLY A 32 -10.74 -4.92 0.71
C GLY A 32 -11.16 -5.19 2.15
N TRP A 33 -12.43 -5.05 2.48
CA TRP A 33 -12.88 -5.12 3.87
C TRP A 33 -13.14 -6.55 4.30
N VAL A 34 -12.97 -6.81 5.60
CA VAL A 34 -13.38 -8.03 6.26
C VAL A 34 -13.92 -7.74 7.64
N ASP A 35 -14.84 -8.58 8.11
CA ASP A 35 -15.34 -8.47 9.48
C ASP A 35 -14.16 -8.53 10.45
N ILE A 36 -14.11 -7.58 11.39
CA ILE A 36 -12.98 -7.57 12.30
C ILE A 36 -12.99 -8.77 13.26
N ASN A 37 -14.19 -9.28 13.63
CA ASN A 37 -14.24 -10.47 14.48
C ASN A 37 -13.74 -11.71 13.75
N GLN A 38 -13.99 -11.80 12.44
CA GLN A 38 -13.39 -12.88 11.65
C GLN A 38 -11.87 -12.78 11.61
N LEU A 39 -11.33 -11.56 11.47
CA LEU A 39 -9.87 -11.42 11.54
C LEU A 39 -9.33 -11.83 12.92
N LEU A 40 -9.94 -11.31 14.00
CA LEU A 40 -9.49 -11.64 15.35
C LEU A 40 -9.52 -13.13 15.58
N SER A 41 -10.61 -13.78 15.14
CA SER A 41 -10.72 -15.23 15.31
C SER A 41 -9.57 -15.96 14.61
N SER A 42 -9.19 -15.48 13.44
CA SER A 42 -8.08 -16.05 12.69
C SER A 42 -6.74 -15.77 13.37
N LEU A 43 -6.55 -14.55 13.89
CA LEU A 43 -5.28 -14.26 14.58
C LEU A 43 -5.13 -15.12 15.81
N HIS A 44 -6.24 -15.49 16.44
CA HIS A 44 -6.18 -16.30 17.64
C HIS A 44 -5.84 -17.76 17.37
N GLU A 45 -5.72 -18.17 16.12
CA GLU A 45 -5.11 -19.47 15.84
C GLU A 45 -3.62 -19.44 16.08
N CYS A 46 -3.03 -18.28 16.25
CA CYS A 46 -1.59 -18.10 16.32
C CYS A 46 -1.24 -17.76 17.76
N GLU A 47 -0.38 -18.56 18.40
CA GLU A 47 -0.11 -18.38 19.83
C GLU A 47 0.21 -16.92 20.18
N LYS A 48 1.04 -16.26 19.37
CA LYS A 48 1.48 -14.91 19.71
C LYS A 48 0.32 -13.94 19.79
N TRP A 49 -0.78 -14.17 19.04
CA TRP A 49 -1.87 -13.19 18.94
C TRP A 49 -3.15 -13.55 19.70
N LYS A 50 -3.10 -14.57 20.57
CA LYS A 50 -4.31 -14.97 21.29
C LYS A 50 -4.78 -13.91 22.28
N LYS A 51 -3.91 -12.99 22.70
CA LYS A 51 -4.34 -11.89 23.57
C LYS A 51 -4.91 -10.69 22.83
N VAL A 52 -4.87 -10.66 21.51
CA VAL A 52 -5.20 -9.44 20.76
C VAL A 52 -6.70 -9.25 20.74
N SER A 53 -7.14 -8.06 21.14
CA SER A 53 -8.55 -7.68 21.11
C SER A 53 -8.81 -6.67 19.98
N GLU A 54 -10.10 -6.43 19.73
CA GLU A 54 -10.48 -5.35 18.82
C GLU A 54 -9.89 -4.00 19.23
N HIS A 55 -9.93 -3.70 20.54
CA HIS A 55 -9.27 -2.49 21.05
C HIS A 55 -7.80 -2.46 20.62
N ASP A 56 -7.09 -3.60 20.66
CA ASP A 56 -5.68 -3.57 20.28
C ASP A 56 -5.47 -3.21 18.81
N LEU A 57 -6.40 -3.59 17.95
CA LEU A 57 -6.28 -3.22 16.56
C LEU A 57 -6.44 -1.71 16.36
N HIS A 58 -7.33 -1.08 17.14
CA HIS A 58 -7.44 0.40 17.08
C HIS A 58 -6.14 1.01 17.57
N VAL A 59 -5.59 0.51 18.66
CA VAL A 59 -4.35 1.09 19.18
C VAL A 59 -3.23 0.95 18.16
N MET A 60 -3.10 -0.24 17.56
CA MET A 60 -2.08 -0.49 16.53
C MET A 60 -2.16 0.57 15.43
N ILE A 61 -3.39 0.85 14.99
CA ILE A 61 -3.60 1.90 13.98
C ILE A 61 -3.20 3.27 14.50
N GLU A 62 -3.64 3.61 15.71
CA GLU A 62 -3.40 4.95 16.25
C GLU A 62 -1.90 5.22 16.37
N LYS A 63 -1.14 4.22 16.84
CA LYS A 63 0.26 4.41 17.13
C LYS A 63 1.15 4.27 15.90
N SER A 64 0.60 3.89 14.74
CA SER A 64 1.46 3.58 13.63
C SER A 64 1.95 4.86 12.97
N ASP A 65 3.12 4.78 12.34
CA ASP A 65 3.66 5.95 11.64
C ASP A 65 3.04 6.14 10.26
N LYS A 66 2.22 5.19 9.81
CA LYS A 66 1.59 5.22 8.51
C LYS A 66 0.15 4.79 8.67
N LYS A 67 -0.75 5.39 7.88
CA LYS A 67 -2.16 5.00 7.90
C LYS A 67 -2.33 3.81 6.95
N ARG A 68 -2.01 2.60 7.46
CA ARG A 68 -2.11 1.42 6.59
C ARG A 68 -3.51 0.86 6.55
N TYR A 69 -4.25 0.95 7.66
CA TYR A 69 -5.52 0.26 7.81
C TYR A 69 -6.58 1.23 8.30
N GLU A 70 -7.82 0.86 8.10
CA GLU A 70 -8.92 1.58 8.71
C GLU A 70 -9.93 0.58 9.22
N ILE A 71 -10.61 0.96 10.31
CA ILE A 71 -11.68 0.17 10.93
C ILE A 71 -12.92 1.03 10.84
N SER A 72 -14.00 0.48 10.28
CA SER A 72 -15.26 1.17 10.12
C SER A 72 -16.41 0.20 10.35
N ASN A 73 -17.29 0.53 11.24
CA ASN A 73 -18.48 -0.27 11.48
C ASN A 73 -18.13 -1.76 11.64
N GLY A 74 -17.07 -2.03 12.38
CA GLY A 74 -16.82 -3.43 12.69
C GLY A 74 -16.09 -4.18 11.60
N LYS A 75 -15.67 -3.52 10.54
CA LYS A 75 -14.87 -4.14 9.48
C LYS A 75 -13.51 -3.46 9.42
N ILE A 76 -12.52 -4.12 8.85
CA ILE A 76 -11.17 -3.59 8.68
C ILE A 76 -10.69 -3.84 7.26
N ARG A 77 -9.89 -2.93 6.75
CA ARG A 77 -9.22 -3.15 5.46
C ARG A 77 -7.85 -2.53 5.50
N ALA A 78 -6.97 -3.02 4.62
CA ALA A 78 -5.78 -2.28 4.21
C ALA A 78 -6.11 -1.34 3.07
N LEU A 79 -5.54 -0.13 3.13
CA LEU A 79 -5.79 0.94 2.19
C LEU A 79 -5.00 0.82 0.90
N TYR A 80 -3.92 0.03 0.91
CA TYR A 80 -3.04 -0.08 -0.25
C TYR A 80 -2.22 -1.33 -0.04
N GLY A 81 -1.36 -1.60 -1.01
CA GLY A 81 -0.39 -2.68 -0.88
C GLY A 81 -0.83 -4.05 -1.36
N HIS A 82 -2.09 -4.23 -1.75
CA HIS A 82 -2.60 -5.57 -2.02
C HIS A 82 -1.93 -6.20 -3.21
N SER A 83 -1.84 -7.53 -3.16
CA SER A 83 -1.30 -8.34 -4.25
C SER A 83 -2.25 -9.42 -4.73
N ILE A 84 -3.44 -9.54 -4.16
CA ILE A 84 -4.29 -10.70 -4.43
C ILE A 84 -4.80 -10.64 -5.86
N PRO A 85 -5.27 -11.73 -6.42
CA PRO A 85 -5.71 -11.70 -7.83
C PRO A 85 -6.89 -10.79 -8.06
N GLN A 86 -7.83 -10.72 -7.13
CA GLN A 86 -9.06 -9.95 -7.35
C GLN A 86 -8.75 -8.48 -7.09
N ARG A 87 -8.83 -7.66 -8.14
CA ARG A 87 -8.50 -6.24 -8.03
C ARG A 87 -9.36 -5.56 -6.96
N ILE A 88 -8.70 -4.86 -6.04
CA ILE A 88 -9.41 -4.04 -5.06
C ILE A 88 -9.91 -2.79 -5.75
N ILE A 89 -11.21 -2.55 -5.68
CA ILE A 89 -11.78 -1.37 -6.29
C ILE A 89 -11.40 -0.17 -5.42
N LYS A 90 -10.68 0.77 -6.01
CA LYS A 90 -10.28 2.03 -5.37
C LYS A 90 -10.92 3.20 -6.11
N GLU A 91 -11.14 4.28 -5.40
CA GLU A 91 -11.76 5.47 -5.99
C GLU A 91 -10.77 6.15 -6.95
N GLN A 92 -11.16 6.34 -8.21
CA GLN A 92 -10.32 7.09 -9.15
C GLN A 92 -10.27 8.56 -8.76
N LYS A 93 -9.10 9.16 -8.89
CA LYS A 93 -8.88 10.52 -8.45
C LYS A 93 -7.91 11.21 -9.38
N CYS A 94 -8.11 12.48 -9.63
CA CYS A 94 -7.17 13.30 -10.36
C CYS A 94 -5.99 13.64 -9.45
N PRO A 95 -4.76 13.40 -9.88
CA PRO A 95 -3.61 13.58 -8.99
C PRO A 95 -3.14 15.02 -8.97
N PRO A 96 -2.28 15.35 -8.00
CA PRO A 96 -1.53 16.60 -8.07
C PRO A 96 -0.63 16.65 -9.29
N GLU A 97 -0.13 17.84 -9.57
CA GLU A 97 0.72 18.05 -10.73
C GLU A 97 1.88 17.05 -10.72
N VAL A 98 2.55 16.91 -9.59
CA VAL A 98 3.72 16.04 -9.40
C VAL A 98 3.49 15.08 -8.24
N LEU A 99 3.88 13.82 -8.45
CA LEU A 99 4.00 12.82 -7.40
C LEU A 99 5.42 12.28 -7.49
N TYR A 100 5.82 11.48 -6.49
CA TYR A 100 7.20 11.00 -6.44
C TYR A 100 7.21 9.48 -6.30
N HIS A 101 8.35 8.86 -6.63
CA HIS A 101 8.45 7.43 -6.41
C HIS A 101 9.91 7.17 -6.08
N GLY A 102 10.17 6.64 -4.91
CA GLY A 102 11.53 6.27 -4.51
C GLY A 102 11.79 4.78 -4.83
N THR A 103 12.99 4.51 -5.37
CA THR A 103 13.29 3.14 -5.82
C THR A 103 14.74 2.81 -5.53
N ALA A 104 15.13 1.58 -5.87
CA ALA A 104 16.50 1.11 -5.72
C ALA A 104 17.27 1.40 -7.00
N ARG A 105 18.57 1.72 -6.86
CA ARG A 105 19.40 1.92 -8.04
C ARG A 105 19.27 0.78 -9.03
N ARG A 106 19.20 -0.47 -8.54
CA ARG A 106 19.23 -1.62 -9.43
C ARG A 106 18.00 -1.73 -10.33
N PHE A 107 16.92 -1.01 -10.04
CA PHE A 107 15.71 -1.07 -10.85
C PHE A 107 15.62 0.05 -11.89
N VAL A 108 16.53 1.03 -11.85
CA VAL A 108 16.34 2.26 -12.63
C VAL A 108 16.36 1.96 -14.13
N LYS A 109 17.31 1.16 -14.60
CA LYS A 109 17.38 0.86 -16.02
C LYS A 109 16.07 0.28 -16.52
N SER A 110 15.52 -0.67 -15.78
CA SER A 110 14.27 -1.28 -16.22
C SER A 110 13.12 -0.26 -16.16
N ILE A 111 13.06 0.59 -15.13
CA ILE A 111 12.00 1.59 -15.11
C ILE A 111 12.17 2.59 -16.27
N LYS A 112 13.40 2.99 -16.61
CA LYS A 112 13.58 3.84 -17.79
C LYS A 112 13.04 3.18 -19.05
N GLU A 113 13.24 1.86 -19.19
CA GLU A 113 12.86 1.20 -20.44
C GLU A 113 11.35 0.93 -20.50
N LYS A 114 10.72 0.63 -19.37
CA LYS A 114 9.36 0.13 -19.35
C LYS A 114 8.37 1.02 -18.61
N GLY A 115 8.84 2.08 -17.95
CA GLY A 115 7.98 2.83 -17.04
C GLY A 115 7.77 2.12 -15.69
N LEU A 116 7.03 2.75 -14.80
CA LEU A 116 6.70 2.13 -13.53
C LEU A 116 5.63 1.08 -13.73
N GLN A 117 5.86 -0.14 -13.18
CA GLN A 117 4.91 -1.25 -13.30
C GLN A 117 4.46 -1.64 -11.90
N PRO A 118 3.26 -2.23 -11.76
CA PRO A 118 2.80 -2.66 -10.42
C PRO A 118 3.61 -3.79 -9.85
N GLN A 119 4.27 -4.62 -10.67
CA GLN A 119 5.16 -5.69 -10.19
C GLN A 119 4.36 -6.69 -9.37
N GLY A 120 4.66 -6.86 -8.11
CA GLY A 120 3.91 -7.83 -7.36
C GLY A 120 2.59 -7.30 -6.79
N ARG A 121 2.28 -6.00 -6.96
CA ARG A 121 1.06 -5.47 -6.40
C ARG A 121 0.05 -5.20 -7.51
N GLN A 122 -1.13 -4.77 -7.13
CA GLN A 122 -2.18 -4.46 -8.10
C GLN A 122 -1.95 -3.11 -8.73
N TYR A 123 -1.34 -2.17 -7.99
CA TYR A 123 -1.14 -0.82 -8.47
C TYR A 123 0.31 -0.37 -8.27
N VAL A 124 0.76 0.55 -9.12
CA VAL A 124 1.96 1.36 -8.83
C VAL A 124 1.67 2.23 -7.62
N HIS A 125 2.57 2.26 -6.66
CA HIS A 125 2.42 3.13 -5.48
C HIS A 125 3.33 4.34 -5.60
N LEU A 126 2.77 5.52 -5.29
CA LEU A 126 3.50 6.79 -5.41
C LEU A 126 3.38 7.57 -4.09
N SER A 127 4.33 8.49 -3.88
CA SER A 127 4.35 9.35 -2.69
C SER A 127 4.01 10.79 -3.04
N ALA A 128 3.49 11.49 -2.02
CA ALA A 128 3.13 12.90 -2.21
C ALA A 128 4.30 13.86 -2.02
N ASP A 129 5.36 13.44 -1.34
CA ASP A 129 6.47 14.34 -1.05
C ASP A 129 7.78 13.55 -1.11
N VAL A 130 8.86 14.30 -1.19
CA VAL A 130 10.19 13.75 -1.47
C VAL A 130 10.64 12.87 -0.33
N GLU A 131 10.56 13.37 0.91
CA GLU A 131 11.03 12.57 2.04
C GLU A 131 10.29 11.24 2.14
N THR A 132 8.97 11.25 1.98
CA THR A 132 8.21 9.99 1.99
C THR A 132 8.72 9.03 0.92
N ALA A 133 8.96 9.54 -0.30
CA ALA A 133 9.44 8.69 -1.38
C ALA A 133 10.82 8.14 -1.07
N LEU A 134 11.72 8.95 -0.50
CA LEU A 134 13.05 8.40 -0.18
C LEU A 134 12.94 7.29 0.85
N GLN A 135 12.03 7.40 1.81
CA GLN A 135 11.82 6.32 2.75
C GLN A 135 11.31 5.05 2.08
N VAL A 136 10.48 5.17 1.05
CA VAL A 136 10.07 3.98 0.32
C VAL A 136 11.29 3.31 -0.29
N GLY A 137 12.17 4.11 -0.92
CA GLY A 137 13.36 3.56 -1.57
C GLY A 137 14.33 2.95 -0.58
N LYS A 138 14.45 3.53 0.61
CA LYS A 138 15.37 3.03 1.62
C LYS A 138 15.04 1.60 2.05
N ARG A 139 13.81 1.14 1.81
CA ARG A 139 13.50 -0.25 2.10
C ARG A 139 14.37 -1.21 1.31
N ARG A 140 14.92 -0.77 0.19
CA ARG A 140 15.71 -1.64 -0.69
C ARG A 140 17.10 -1.13 -0.98
N ASP A 141 17.42 0.12 -0.63
CA ASP A 141 18.69 0.71 -1.05
C ASP A 141 19.08 1.85 -0.10
N ILE A 142 20.27 1.77 0.49
CA ILE A 142 20.67 2.86 1.39
C ILE A 142 20.87 4.15 0.64
N LYS A 143 21.04 4.09 -0.69
CA LYS A 143 21.15 5.28 -1.55
C LYS A 143 20.02 5.22 -2.57
N PRO A 144 18.80 5.46 -2.13
CA PRO A 144 17.66 5.32 -3.05
C PRO A 144 17.65 6.44 -4.10
N VAL A 145 16.92 6.16 -5.19
CA VAL A 145 16.78 7.06 -6.32
C VAL A 145 15.41 7.69 -6.27
N LEU A 146 15.36 8.99 -6.35
CA LEU A 146 14.08 9.70 -6.40
C LEU A 146 13.65 9.88 -7.85
N LEU A 147 12.47 9.38 -8.18
CA LEU A 147 11.83 9.63 -9.46
C LEU A 147 10.72 10.64 -9.26
N ILE A 148 10.58 11.58 -10.20
CA ILE A 148 9.54 12.62 -10.16
C ILE A 148 8.58 12.31 -11.28
N VAL A 149 7.31 12.13 -10.95
CA VAL A 149 6.28 11.72 -11.88
C VAL A 149 5.41 12.94 -12.20
N ASN A 150 5.30 13.23 -13.50
CA ASN A 150 4.39 14.29 -13.97
C ASN A 150 3.01 13.66 -13.99
N ALA A 151 2.40 13.58 -12.80
CA ALA A 151 1.19 12.78 -12.65
C ALA A 151 -0.01 13.43 -13.33
N LEU A 152 -0.18 14.73 -13.18
CA LEU A 152 -1.30 15.35 -13.84
C LEU A 152 -1.20 15.22 -15.37
N GLU A 153 0.01 15.35 -15.95
CA GLU A 153 0.16 15.13 -17.39
C GLU A 153 -0.25 13.71 -17.77
N ALA A 154 0.19 12.72 -16.98
CA ALA A 154 -0.19 11.35 -17.25
C ALA A 154 -1.70 11.17 -17.20
N TRP A 155 -2.33 11.70 -16.14
CA TRP A 155 -3.79 11.62 -16.00
C TRP A 155 -4.48 12.24 -17.22
N SER A 156 -3.99 13.38 -17.69
CA SER A 156 -4.63 14.04 -18.81
C SER A 156 -4.50 13.24 -20.08
N GLU A 157 -3.53 12.34 -20.15
CA GLU A 157 -3.34 11.45 -21.28
C GLU A 157 -3.91 10.08 -21.04
N GLY A 158 -4.71 9.90 -19.99
CA GLY A 158 -5.46 8.66 -19.82
C GLY A 158 -4.95 7.70 -18.77
N ILE A 159 -3.82 7.98 -18.12
CA ILE A 159 -3.32 7.11 -17.06
C ILE A 159 -4.18 7.31 -15.80
N LYS A 160 -4.71 6.23 -15.24
CA LYS A 160 -5.60 6.32 -14.09
C LYS A 160 -4.81 6.35 -12.80
N PHE A 161 -5.26 7.20 -11.89
CA PHE A 161 -4.77 7.29 -10.52
C PHE A 161 -5.92 7.09 -9.55
N TYR A 162 -5.59 6.63 -8.34
CA TYR A 162 -6.59 6.20 -7.39
C TYR A 162 -6.16 6.56 -5.99
N LEU A 163 -7.17 6.71 -5.11
CA LEU A 163 -6.96 7.01 -3.71
C LEU A 163 -6.33 5.84 -2.95
N GLY A 164 -5.21 6.10 -2.26
CA GLY A 164 -4.62 5.20 -1.31
C GLY A 164 -4.83 5.83 0.06
N ASN A 165 -3.96 6.76 0.43
CA ASN A 165 -4.23 7.68 1.55
C ASN A 165 -3.55 9.02 1.24
N ASP A 166 -3.44 9.92 2.22
CA ASP A 166 -2.93 11.24 1.89
C ASP A 166 -1.45 11.19 1.43
N LYS A 167 -0.70 10.14 1.84
CA LYS A 167 0.72 10.04 1.52
C LYS A 167 1.02 9.00 0.46
N VAL A 168 0.04 8.18 0.08
CA VAL A 168 0.26 7.02 -0.81
C VAL A 168 -0.79 7.13 -1.89
N TRP A 169 -0.36 7.40 -3.12
CA TRP A 169 -1.28 7.46 -4.25
C TRP A 169 -1.07 6.19 -5.07
N LEU A 170 -2.11 5.74 -5.74
CA LEU A 170 -2.05 4.52 -6.53
C LEU A 170 -2.25 4.88 -7.99
N ALA A 171 -1.69 4.04 -8.87
CA ALA A 171 -1.82 4.26 -10.31
C ALA A 171 -1.76 2.92 -11.03
N ASP A 172 -2.31 2.94 -12.23
CA ASP A 172 -1.98 1.90 -13.19
C ASP A 172 -0.54 2.11 -13.68
N ALA A 173 -0.06 1.22 -14.53
CA ALA A 173 1.31 1.36 -15.00
C ALA A 173 1.51 2.76 -15.58
N ILE A 174 2.67 3.34 -15.32
CA ILE A 174 2.99 4.70 -15.76
C ILE A 174 4.11 4.71 -16.79
N PRO A 175 3.82 5.07 -18.05
CA PRO A 175 4.88 5.10 -19.06
C PRO A 175 6.06 6.00 -18.67
N SER A 176 7.22 5.61 -19.22
CA SER A 176 8.48 6.27 -18.91
C SER A 176 8.43 7.76 -19.23
N LYS A 177 7.67 8.15 -20.25
CA LYS A 177 7.75 9.57 -20.62
C LYS A 177 7.25 10.49 -19.53
N TYR A 178 6.52 9.96 -18.53
CA TYR A 178 6.02 10.80 -17.45
C TYR A 178 6.92 10.79 -16.24
N ILE A 179 8.10 10.18 -16.32
CA ILE A 179 8.98 9.96 -15.16
C ILE A 179 10.29 10.66 -15.40
N ARG A 180 10.67 11.56 -14.50
CA ARG A 180 11.95 12.25 -14.55
C ARG A 180 12.91 11.52 -13.65
N PHE A 181 14.05 11.11 -14.22
CA PHE A 181 15.09 10.30 -13.60
C PHE A 181 16.23 11.13 -13.04
N GLU A 182 16.32 12.40 -13.42
CA GLU A 182 17.38 13.32 -13.01
C GLU A 182 16.86 14.34 -12.01
N1A COA B . 6.76 -1.66 10.42
C2A COA B . 7.36 -2.15 9.29
N3A COA B . 6.61 -2.79 8.32
C4A COA B . 5.27 -2.95 8.49
C5A COA B . 4.68 -2.45 9.61
C6A COA B . 5.46 -1.80 10.58
N6A COA B . 5.03 -1.21 11.81
N7A COA B . 3.38 -2.71 9.55
C8A COA B . 3.13 -3.35 8.40
N9A COA B . 4.26 -3.48 7.74
C1B COA B . 4.36 -4.14 6.46
C2B COA B . 5.54 -4.22 5.88
O2B COA B . 5.83 -3.09 5.09
C3B COA B . 5.32 -5.44 4.95
O3B COA B . 4.51 -5.06 3.94
P3B COA B . 4.47 -5.88 2.49
O7A COA B . 4.70 -7.36 2.79
O8A COA B . 3.10 -5.58 1.88
O9A COA B . 5.61 -5.36 1.65
C4B COA B . 4.56 -6.44 5.89
O4B COA B . 4.16 -5.71 6.90
C5B COA B . 5.50 -7.50 6.46
O5B COA B . 6.74 -6.90 6.68
P1A COA B . 8.01 -7.88 7.07
O1A COA B . 9.12 -7.02 7.59
O2A COA B . 8.46 -8.63 5.84
O3A COA B . 7.38 -8.89 8.22
P2A COA B . 8.13 -10.26 8.89
O4A COA B . 9.36 -10.64 8.08
O5A COA B . 8.55 -9.98 10.32
O6A COA B . 7.01 -11.49 8.89
CBP COA B . 4.71 -12.11 8.55
CCP COA B . 5.68 -11.24 9.36
CDP COA B . 3.34 -12.07 9.12
CEP COA B . 4.64 -11.56 7.15
CAP COA B . 5.24 -13.57 8.54
OAP COA B . 5.37 -14.01 9.84
C9P COA B . 4.29 -14.52 7.74
O9P COA B . 4.31 -14.54 6.52
N8P COA B . 3.35 -15.45 8.48
C7P COA B . 2.41 -16.39 7.72
C6P COA B . 1.29 -16.87 8.65
C5P COA B . 1.86 -17.03 10.07
O5P COA B . 2.75 -17.81 10.28
N4P COA B . 1.34 -16.24 11.12
C3P COA B . 1.84 -16.35 12.49
C2P COA B . 1.42 -17.73 13.06
S1P COA B . 2.06 -17.74 14.79
C1B HQG C . 10.14 -1.25 -8.76
C1D HQG C . 5.37 0.11 1.57
C2A HQG C . 11.91 -2.88 -12.40
C2B HQG C . 9.62 -0.32 -7.91
C2D HQG C . 5.92 1.43 0.92
C3B HQG C . 9.83 -0.99 -6.47
C3D HQG C . 4.90 1.65 -0.25
C4A HQG C . 10.35 -1.72 -11.19
C4B HQG C . 9.59 -2.35 -6.75
C4D HQG C . 4.40 0.41 -0.58
C5A HQG C . 9.64 -1.38 -12.31
C5B HQG C . 8.17 -2.77 -6.34
C5D HQG C . 4.79 -0.16 -1.90
C6A HQG C . 10.15 -1.81 -13.56
C8A HQG C . 8.62 -0.50 -10.60
N1A HQG C . 11.26 -2.59 -13.52
N3A HQG C . 11.47 -2.48 -11.20
N6A HQG C . 9.55 -1.50 -14.79
N7A HQG C . 8.56 -0.64 -11.93
N9A HQG C . 9.67 -1.18 -10.14
O1A HQG C . 7.29 -3.04 -2.70
O1N HQG C . 6.36 1.25 -4.19
O1Z HQG C . 4.30 -1.78 3.67
O2A HQG C . 5.83 -3.51 -4.64
O2B HQG C . 10.36 0.91 -8.00
O2D HQG C . 6.04 2.41 1.81
O2N HQG C . 8.36 0.00 -3.21
O2Z HQG C . 5.32 0.19 4.71
O3 HQG C . 6.42 -1.16 -4.25
O3B HQG C . 11.20 -0.77 -6.02
O3D HQG C . 3.79 2.55 0.14
O3Z HQG C . 2.82 0.17 4.41
O4B HQG C . 9.59 -2.55 -8.25
O4D HQG C . 4.92 -0.60 0.57
O4Z HQG C . 4.25 0.41 2.43
O5B HQG C . 8.24 -2.87 -4.91
O5D HQG C . 6.22 -0.13 -1.96
PA HQG C . 6.90 -2.70 -4.08
PN HQG C . 6.90 0.10 -3.43
PZ HQG C . 4.18 -0.27 3.89
#